data_8QK5
#
_entry.id   8QK5
#
_cell.length_a   60.418
_cell.length_b   60.418
_cell.length_c   287.692
_cell.angle_alpha   90.00
_cell.angle_beta   90.00
_cell.angle_gamma   120.00
#
_symmetry.space_group_name_H-M   'P 61 2 2'
#
loop_
_entity.id
_entity.type
_entity.pdbx_description
1 polymer 'UDP-2,3-diacylglucosamine hydrolase'
2 non-polymer 'MANGANESE (II) ION'
3 non-polymer 5-[[3-(aminomethyl)azetidin-1-yl]methyl]-N-[4-[4-(4-cyano-6-methyl-pyrimidin-2-yl)piperazin-1-yl]sulfonylphenyl]-2-[methyl(methylsulfonyl)amino]benzamide
4 water water
#
_entity_poly.entity_id   1
_entity_poly.type   'polypeptide(L)'
_entity_poly.pdbx_seq_one_letter_code
;MATLFIADLHLQTEEPEITAGFLRFLQGEARQADALYILGDLFEAWIGDDDPNPLHQQIASAIKAVVDAGVPCYFIHGNR
DFLVGQRFARQSGMILLAEEERLDLYGREVLIMHGDTLCTDDQGYLAFRAKVHTPWIQRLFLALPLFIRHRIAARMRADS
KAANSSKSMEIMDVNPQAVVDAMERHHVQWLIHGHTHRPAVHELQANGQPAWRVVLGAWHSEGSMVKVTPDDVELIHFPF
HHHHHH
;
_entity_poly.pdbx_strand_id   A
#
# COMPACT_ATOMS: atom_id res chain seq x y z
N ALA A 2 4.54 -13.45 12.31
CA ALA A 2 4.42 -11.99 12.20
C ALA A 2 4.52 -11.61 10.72
N THR A 3 3.38 -11.65 10.04
CA THR A 3 3.23 -11.00 8.75
C THR A 3 2.80 -9.55 8.95
N LEU A 4 3.48 -8.63 8.27
CA LEU A 4 3.30 -7.19 8.45
C LEU A 4 2.64 -6.58 7.22
N PHE A 5 1.82 -5.53 7.49
CA PHE A 5 1.15 -4.75 6.47
C PHE A 5 1.38 -3.28 6.78
N ILE A 6 1.78 -2.51 5.75
CA ILE A 6 1.98 -1.08 5.86
C ILE A 6 1.38 -0.48 4.60
N ALA A 7 1.11 0.84 4.63
CA ALA A 7 0.56 1.53 3.48
C ALA A 7 0.69 3.03 3.71
N ASP A 8 0.58 3.80 2.64
CA ASP A 8 0.35 5.22 2.78
C ASP A 8 1.56 5.88 3.42
N LEU A 9 2.74 5.42 3.02
CA LEU A 9 3.98 6.08 3.40
C LEU A 9 4.17 7.41 2.65
N HIS A 10 3.69 7.52 1.41
CA HIS A 10 3.82 8.77 0.66
C HIS A 10 5.27 9.25 0.58
N LEU A 11 6.20 8.34 0.29
CA LEU A 11 7.62 8.69 0.32
C LEU A 11 7.92 9.76 -0.73
N GLN A 12 8.80 10.72 -0.39
CA GLN A 12 9.17 11.79 -1.29
C GLN A 12 10.39 12.53 -0.77
N THR A 13 11.08 13.22 -1.69
CA THR A 13 12.29 13.96 -1.43
C THR A 13 12.08 15.03 -0.37
N GLU A 14 10.89 15.67 -0.37
CA GLU A 14 10.55 16.74 0.57
C GLU A 14 10.38 16.22 2.00
N GLU A 15 10.29 14.90 2.23
CA GLU A 15 10.00 14.35 3.55
C GLU A 15 11.04 13.28 3.92
N PRO A 16 12.31 13.68 4.14
CA PRO A 16 13.39 12.74 4.49
C PRO A 16 13.19 12.03 5.83
N GLU A 17 12.44 12.67 6.73
CA GLU A 17 12.23 12.11 8.06
C GLU A 17 11.41 10.83 7.94
N ILE A 18 10.39 10.83 7.08
CA ILE A 18 9.59 9.65 6.84
C ILE A 18 10.44 8.57 6.18
N THR A 19 11.26 8.96 5.18
CA THR A 19 12.18 8.01 4.56
C THR A 19 13.03 7.32 5.63
N ALA A 20 13.66 8.11 6.50
CA ALA A 20 14.51 7.59 7.57
C ALA A 20 13.74 6.64 8.49
N GLY A 21 12.48 6.99 8.81
CA GLY A 21 11.62 6.13 9.60
C GLY A 21 11.35 4.79 8.93
N PHE A 22 11.06 4.84 7.62
CA PHE A 22 10.84 3.63 6.84
C PHE A 22 12.10 2.78 6.78
N LEU A 23 13.28 3.38 6.58
CA LEU A 23 14.50 2.59 6.49
C LEU A 23 14.77 1.90 7.85
N ARG A 24 14.55 2.65 8.93
CA ARG A 24 14.71 2.09 10.29
C ARG A 24 13.82 0.87 10.47
N PHE A 25 12.58 0.96 9.99
CA PHE A 25 11.62 -0.13 10.04
C PHE A 25 12.07 -1.37 9.26
N LEU A 26 12.59 -1.15 8.04
CA LEU A 26 13.01 -2.24 7.15
C LEU A 26 14.24 -2.95 7.72
N GLN A 27 15.18 -2.15 8.21
CA GLN A 27 16.39 -2.65 8.83
C GLN A 27 16.09 -3.39 10.14
N GLY A 28 14.94 -3.09 10.77
CA GLY A 28 14.64 -3.56 12.13
C GLY A 28 13.49 -4.54 12.12
N GLU A 29 12.30 -4.04 12.45
CA GLU A 29 11.06 -4.81 12.45
C GLU A 29 10.93 -5.80 11.28
N ALA A 30 11.13 -5.32 10.03
CA ALA A 30 10.76 -6.14 8.87
C ALA A 30 11.59 -7.43 8.82
N ARG A 31 12.86 -7.35 9.26
CA ARG A 31 13.81 -8.47 9.23
C ARG A 31 13.31 -9.68 10.02
N GLN A 32 12.52 -9.44 11.08
CA GLN A 32 12.03 -10.47 11.95
C GLN A 32 10.72 -11.03 11.40
N ALA A 33 10.16 -10.41 10.35
CA ALA A 33 8.83 -10.81 9.92
C ALA A 33 8.93 -12.05 9.03
N ASP A 34 7.78 -12.69 8.82
CA ASP A 34 7.65 -13.76 7.86
C ASP A 34 7.54 -13.20 6.45
N ALA A 35 7.06 -11.95 6.33
CA ALA A 35 6.67 -11.35 5.06
C ALA A 35 6.25 -9.90 5.33
N LEU A 36 6.36 -9.05 4.31
CA LEU A 36 5.89 -7.67 4.35
C LEU A 36 5.01 -7.36 3.13
N TYR A 37 3.78 -6.91 3.40
CA TYR A 37 2.88 -6.40 2.37
C TYR A 37 2.76 -4.89 2.48
N ILE A 38 3.06 -4.21 1.36
CA ILE A 38 2.85 -2.78 1.27
C ILE A 38 1.59 -2.53 0.47
N LEU A 39 0.54 -2.03 1.10
CA LEU A 39 -0.75 -1.94 0.44
C LEU A 39 -0.95 -0.56 -0.19
N GLY A 40 0.07 -0.07 -0.92
CA GLY A 40 -0.08 1.06 -1.82
C GLY A 40 0.31 2.38 -1.18
N ASP A 41 0.52 3.38 -2.03
CA ASP A 41 0.96 4.69 -1.62
C ASP A 41 2.28 4.56 -0.87
N LEU A 42 3.15 3.67 -1.36
CA LEU A 42 4.53 3.71 -0.95
C LEU A 42 5.12 5.07 -1.30
N PHE A 43 4.86 5.55 -2.53
CA PHE A 43 5.39 6.84 -2.97
C PHE A 43 4.27 7.85 -3.11
N GLU A 44 4.60 9.13 -2.89
CA GLU A 44 3.67 10.25 -3.02
C GLU A 44 3.23 10.41 -4.48
N ALA A 45 4.10 10.03 -5.40
CA ALA A 45 3.80 10.09 -6.82
C ALA A 45 4.72 9.12 -7.56
N TRP A 46 4.32 8.80 -8.79
CA TRP A 46 5.12 7.94 -9.64
C TRP A 46 4.73 8.20 -11.09
N ILE A 47 5.73 8.53 -11.91
CA ILE A 47 5.52 8.86 -13.31
C ILE A 47 6.22 7.84 -14.21
N GLY A 48 6.72 6.76 -13.61
CA GLY A 48 7.27 5.63 -14.33
C GLY A 48 8.60 5.18 -13.73
N ASP A 49 8.94 3.91 -13.99
CA ASP A 49 10.09 3.27 -13.38
C ASP A 49 11.42 3.85 -13.88
N ASP A 50 11.36 4.72 -14.89
CA ASP A 50 12.53 5.25 -15.56
C ASP A 50 12.88 6.58 -14.92
N ASP A 51 12.14 6.97 -13.87
CA ASP A 51 12.48 8.17 -13.13
C ASP A 51 13.83 7.93 -12.46
N PRO A 52 14.83 8.81 -12.68
CA PRO A 52 16.14 8.62 -12.06
C PRO A 52 16.20 9.11 -10.61
N ASN A 53 15.09 9.68 -10.10
CA ASN A 53 14.99 10.12 -8.72
C ASN A 53 15.81 9.19 -7.82
N PRO A 54 16.84 9.71 -7.14
CA PRO A 54 17.71 8.86 -6.29
C PRO A 54 16.93 8.21 -5.13
N LEU A 55 15.85 8.85 -4.65
CA LEU A 55 15.02 8.27 -3.61
C LEU A 55 14.52 6.89 -4.03
N HIS A 56 14.16 6.73 -5.32
CA HIS A 56 13.62 5.46 -5.79
C HIS A 56 14.63 4.33 -5.61
N GLN A 57 15.93 4.61 -5.80
CA GLN A 57 16.94 3.55 -5.76
C GLN A 57 17.33 3.25 -4.31
N GLN A 58 17.44 4.28 -3.46
CA GLN A 58 17.59 4.09 -2.02
C GLN A 58 16.48 3.17 -1.50
N ILE A 59 15.22 3.47 -1.83
CA ILE A 59 14.12 2.65 -1.34
C ILE A 59 14.19 1.25 -1.93
N ALA A 60 14.47 1.12 -3.24
CA ALA A 60 14.52 -0.20 -3.86
C ALA A 60 15.56 -1.06 -3.17
N SER A 61 16.74 -0.47 -2.89
CA SER A 61 17.85 -1.18 -2.25
C SER A 61 17.42 -1.67 -0.87
N ALA A 62 16.92 -0.72 -0.06
CA ALA A 62 16.49 -1.01 1.30
C ALA A 62 15.54 -2.19 1.29
N ILE A 63 14.52 -2.19 0.40
CA ILE A 63 13.56 -3.27 0.35
C ILE A 63 14.17 -4.58 -0.14
N LYS A 64 15.11 -4.48 -1.08
CA LYS A 64 15.72 -5.66 -1.68
C LYS A 64 16.61 -6.35 -0.65
N ALA A 65 17.29 -5.55 0.20
CA ALA A 65 18.06 -6.09 1.30
C ALA A 65 17.22 -6.96 2.24
N VAL A 66 15.92 -6.63 2.36
CA VAL A 66 14.99 -7.37 3.21
C VAL A 66 14.54 -8.63 2.49
N VAL A 67 14.33 -8.54 1.18
CA VAL A 67 13.95 -9.71 0.39
C VAL A 67 15.12 -10.70 0.44
N ASP A 68 16.34 -10.16 0.32
CA ASP A 68 17.57 -10.94 0.33
C ASP A 68 17.82 -11.57 1.70
N ALA A 69 17.31 -10.94 2.77
CA ALA A 69 17.46 -11.49 4.10
C ALA A 69 16.46 -12.63 4.31
N GLY A 70 15.62 -12.94 3.31
CA GLY A 70 14.70 -14.07 3.38
C GLY A 70 13.26 -13.68 3.71
N VAL A 71 12.96 -12.36 3.72
CA VAL A 71 11.63 -11.86 4.02
C VAL A 71 10.99 -11.38 2.72
N PRO A 72 10.00 -12.13 2.16
CA PRO A 72 9.28 -11.72 0.97
C PRO A 72 8.44 -10.46 1.14
N CYS A 73 8.65 -9.51 0.23
CA CYS A 73 7.86 -8.28 0.18
C CYS A 73 6.92 -8.28 -1.02
N TYR A 74 5.68 -7.83 -0.77
CA TYR A 74 4.65 -7.71 -1.78
C TYR A 74 4.12 -6.29 -1.81
N PHE A 75 3.56 -5.93 -2.97
CA PHE A 75 3.08 -4.59 -3.22
C PHE A 75 1.75 -4.66 -3.96
N ILE A 76 0.78 -3.89 -3.45
CA ILE A 76 -0.46 -3.58 -4.12
C ILE A 76 -0.43 -2.07 -4.37
N HIS A 77 -0.86 -1.63 -5.56
CA HIS A 77 -0.77 -0.24 -5.96
C HIS A 77 -1.79 0.57 -5.16
N GLY A 78 -1.42 1.80 -4.81
CA GLY A 78 -2.39 2.78 -4.39
C GLY A 78 -2.77 3.74 -5.52
N ASN A 79 -3.48 4.79 -5.16
CA ASN A 79 -3.99 5.76 -6.11
C ASN A 79 -2.84 6.66 -6.54
N ARG A 80 -1.80 6.75 -5.71
CA ARG A 80 -0.69 7.66 -5.97
C ARG A 80 0.35 6.99 -6.87
N ASP A 81 0.50 5.66 -6.77
CA ASP A 81 1.67 4.98 -7.32
C ASP A 81 1.28 3.75 -8.14
N PHE A 82 0.13 3.89 -8.80
CA PHE A 82 -0.35 2.90 -9.74
C PHE A 82 0.60 2.63 -10.92
N LEU A 83 1.61 3.48 -11.18
CA LEU A 83 2.50 3.27 -12.33
C LEU A 83 3.76 2.50 -11.94
N VAL A 84 3.94 2.17 -10.66
CA VAL A 84 5.02 1.27 -10.28
C VAL A 84 4.90 0.01 -11.12
N GLY A 85 6.01 -0.40 -11.76
CA GLY A 85 6.01 -1.49 -12.74
C GLY A 85 7.04 -2.59 -12.44
N GLN A 86 7.26 -3.49 -13.40
CA GLN A 86 8.14 -4.64 -13.18
C GLN A 86 9.61 -4.25 -13.02
N ARG A 87 10.02 -3.09 -13.53
CA ARG A 87 11.40 -2.68 -13.39
C ARG A 87 11.69 -2.28 -11.94
N PHE A 88 10.75 -1.55 -11.32
CA PHE A 88 10.87 -1.25 -9.91
C PHE A 88 10.79 -2.54 -9.09
N ALA A 89 9.91 -3.47 -9.49
CA ALA A 89 9.78 -4.78 -8.86
C ALA A 89 11.12 -5.50 -8.83
N ARG A 90 11.83 -5.45 -9.95
CA ARG A 90 13.09 -6.16 -10.07
C ARG A 90 14.16 -5.49 -9.22
N GLN A 91 14.23 -4.16 -9.23
CA GLN A 91 15.23 -3.40 -8.46
C GLN A 91 15.00 -3.52 -6.95
N SER A 92 13.72 -3.65 -6.53
CA SER A 92 13.34 -3.75 -5.14
C SER A 92 13.20 -5.21 -4.68
N GLY A 93 12.98 -6.13 -5.63
CA GLY A 93 12.73 -7.53 -5.31
C GLY A 93 11.31 -7.80 -4.83
N MET A 94 10.47 -6.76 -4.87
CA MET A 94 9.09 -6.88 -4.45
C MET A 94 8.34 -7.63 -5.53
N ILE A 95 7.35 -8.42 -5.11
CA ILE A 95 6.41 -9.07 -6.02
C ILE A 95 5.15 -8.20 -6.09
N LEU A 96 4.66 -7.93 -7.32
CA LEU A 96 3.50 -7.06 -7.51
C LEU A 96 2.27 -7.92 -7.49
N LEU A 97 1.28 -7.56 -6.67
CA LEU A 97 0.07 -8.33 -6.58
C LEU A 97 -1.05 -7.54 -7.24
N ALA A 98 -2.24 -8.18 -7.24
CA ALA A 98 -3.46 -7.63 -7.80
C ALA A 98 -4.14 -6.69 -6.81
N GLU A 99 -5.19 -5.99 -7.27
CA GLU A 99 -5.83 -4.93 -6.50
C GLU A 99 -6.53 -5.49 -5.26
N GLU A 100 -6.95 -6.76 -5.33
CA GLU A 100 -7.49 -7.54 -4.21
C GLU A 100 -6.71 -8.85 -4.15
N GLU A 101 -6.38 -9.30 -2.94
CA GLU A 101 -5.78 -10.60 -2.73
C GLU A 101 -6.33 -11.23 -1.44
N ARG A 102 -6.62 -12.54 -1.51
CA ARG A 102 -7.01 -13.32 -0.34
C ARG A 102 -5.81 -14.11 0.13
N LEU A 103 -5.32 -13.78 1.33
CA LEU A 103 -4.19 -14.46 1.90
C LEU A 103 -4.73 -15.59 2.77
N ASP A 104 -3.86 -16.55 3.06
CA ASP A 104 -4.10 -17.50 4.11
C ASP A 104 -2.98 -17.27 5.12
N LEU A 105 -3.31 -16.54 6.20
CA LEU A 105 -2.33 -16.22 7.22
C LEU A 105 -2.53 -17.16 8.41
N TYR A 106 -1.68 -18.21 8.46
CA TYR A 106 -1.74 -19.22 9.50
C TYR A 106 -3.15 -19.72 9.67
N GLY A 107 -3.82 -20.05 8.56
CA GLY A 107 -5.16 -20.59 8.63
C GLY A 107 -6.24 -19.53 8.62
N ARG A 108 -5.84 -18.24 8.80
CA ARG A 108 -6.81 -17.15 8.80
C ARG A 108 -6.85 -16.52 7.41
N GLU A 109 -8.06 -16.35 6.87
CA GLU A 109 -8.24 -15.84 5.52
C GLU A 109 -8.56 -14.35 5.56
N VAL A 110 -7.63 -13.56 5.01
CA VAL A 110 -7.67 -12.10 5.09
C VAL A 110 -7.67 -11.53 3.67
N LEU A 111 -8.63 -10.65 3.37
CA LEU A 111 -8.63 -9.84 2.16
C LEU A 111 -7.76 -8.58 2.32
N ILE A 112 -6.76 -8.39 1.44
CA ILE A 112 -5.96 -7.17 1.43
C ILE A 112 -6.23 -6.40 0.14
N MET A 113 -6.30 -5.07 0.28
CA MET A 113 -6.32 -4.14 -0.84
C MET A 113 -5.80 -2.78 -0.37
N HIS A 114 -5.67 -1.85 -1.32
CA HIS A 114 -5.31 -0.47 -1.01
C HIS A 114 -6.49 0.19 -0.28
N GLY A 115 -7.68 0.07 -0.85
CA GLY A 115 -8.89 0.55 -0.22
C GLY A 115 -9.62 1.59 -1.05
N ASP A 116 -8.94 2.16 -2.04
CA ASP A 116 -9.55 3.20 -2.86
C ASP A 116 -10.78 2.66 -3.59
N THR A 117 -10.80 1.37 -3.93
CA THR A 117 -11.90 0.81 -4.70
C THR A 117 -13.15 0.70 -3.83
N LEU A 118 -12.97 0.73 -2.51
CA LEU A 118 -14.10 0.68 -1.58
C LEU A 118 -14.78 2.05 -1.49
N CYS A 119 -14.15 3.10 -2.04
CA CYS A 119 -14.62 4.46 -1.81
C CYS A 119 -15.54 4.89 -2.93
N THR A 120 -16.66 4.18 -3.03
CA THR A 120 -17.58 4.28 -4.15
C THR A 120 -18.42 5.55 -4.11
N ASP A 121 -18.28 6.40 -3.08
CA ASP A 121 -19.05 7.64 -3.02
C ASP A 121 -18.33 8.79 -3.75
N ASP A 122 -17.09 8.56 -4.20
CA ASP A 122 -16.34 9.58 -4.90
C ASP A 122 -16.31 9.21 -6.38
N GLN A 123 -17.32 9.69 -7.14
CA GLN A 123 -17.39 9.51 -8.58
C GLN A 123 -16.15 10.15 -9.18
N GLY A 124 -15.91 11.40 -8.77
CA GLY A 124 -14.72 12.13 -9.12
C GLY A 124 -13.54 11.16 -9.27
N TYR A 125 -13.17 10.56 -8.15
CA TYR A 125 -11.97 9.75 -8.08
C TYR A 125 -12.12 8.51 -8.96
N LEU A 126 -13.31 7.90 -8.98
CA LEU A 126 -13.45 6.59 -9.61
C LEU A 126 -13.40 6.72 -11.14
N ALA A 127 -13.92 7.82 -11.67
CA ALA A 127 -13.79 8.14 -13.10
C ALA A 127 -12.31 8.25 -13.46
N PHE A 128 -11.59 9.10 -12.71
CA PHE A 128 -10.15 9.27 -12.83
C PHE A 128 -9.43 7.92 -12.83
N ARG A 129 -9.78 7.06 -11.86
CA ARG A 129 -9.07 5.81 -11.66
C ARG A 129 -9.29 4.87 -12.85
N ALA A 130 -10.53 4.86 -13.35
CA ALA A 130 -10.88 4.08 -14.52
C ALA A 130 -9.92 4.42 -15.66
N LYS A 131 -9.76 5.71 -15.93
CA LYS A 131 -8.93 6.17 -17.04
C LYS A 131 -7.47 5.83 -16.80
N VAL A 132 -6.90 6.20 -15.63
CA VAL A 132 -5.48 6.03 -15.43
C VAL A 132 -5.14 4.56 -15.24
N HIS A 133 -6.15 3.69 -15.09
CA HIS A 133 -5.90 2.25 -15.06
C HIS A 133 -6.11 1.61 -16.43
N THR A 134 -6.56 2.36 -17.43
CA THR A 134 -6.69 1.81 -18.78
C THR A 134 -5.29 1.59 -19.36
N PRO A 135 -4.88 0.35 -19.71
CA PRO A 135 -3.49 0.09 -20.06
C PRO A 135 -2.94 0.98 -21.19
N TRP A 136 -3.77 1.34 -22.17
CA TRP A 136 -3.30 2.10 -23.32
C TRP A 136 -3.09 3.55 -22.90
N ILE A 137 -3.82 4.00 -21.88
CA ILE A 137 -3.60 5.35 -21.40
C ILE A 137 -2.31 5.37 -20.57
N GLN A 138 -1.98 4.26 -19.91
CA GLN A 138 -0.72 4.15 -19.19
C GLN A 138 0.45 4.10 -20.17
N ARG A 139 0.35 3.28 -21.23
CA ARG A 139 1.39 3.10 -22.23
C ARG A 139 1.70 4.42 -22.94
N LEU A 140 0.63 5.15 -23.26
CA LEU A 140 0.71 6.51 -23.80
C LEU A 140 1.55 7.41 -22.89
N PHE A 141 1.15 7.51 -21.60
CA PHE A 141 1.75 8.48 -20.69
C PHE A 141 3.23 8.17 -20.54
N LEU A 142 3.50 6.86 -20.45
CA LEU A 142 4.83 6.35 -20.15
C LEU A 142 5.79 6.56 -21.32
N ALA A 143 5.24 6.78 -22.52
CA ALA A 143 6.03 6.94 -23.74
C ALA A 143 6.38 8.42 -23.97
N LEU A 144 5.70 9.35 -23.29
CA LEU A 144 6.10 10.75 -23.27
C LEU A 144 7.48 10.88 -22.63
N PRO A 145 8.29 11.86 -23.09
CA PRO A 145 9.53 12.22 -22.41
C PRO A 145 9.34 12.59 -20.94
N LEU A 146 10.30 12.15 -20.12
CA LEU A 146 10.22 12.31 -18.68
C LEU A 146 9.84 13.74 -18.32
N PHE A 147 10.49 14.72 -18.99
CA PHE A 147 10.36 16.11 -18.60
C PHE A 147 8.92 16.56 -18.80
N ILE A 148 8.23 15.94 -19.76
CA ILE A 148 6.83 16.22 -20.02
C ILE A 148 5.93 15.50 -19.02
N ARG A 149 6.23 14.22 -18.73
CA ARG A 149 5.55 13.57 -17.61
C ARG A 149 5.64 14.43 -16.34
N HIS A 150 6.83 14.99 -16.06
CA HIS A 150 7.02 15.85 -14.90
C HIS A 150 6.09 17.06 -15.00
N ARG A 151 6.11 17.78 -16.12
CA ARG A 151 5.25 18.93 -16.29
C ARG A 151 3.78 18.56 -16.01
N ILE A 152 3.35 17.41 -16.55
CA ILE A 152 1.96 16.96 -16.42
C ILE A 152 1.59 16.74 -14.95
N ALA A 153 2.46 16.02 -14.22
CA ALA A 153 2.23 15.69 -12.82
C ALA A 153 2.14 16.96 -11.97
N ALA A 154 2.94 17.98 -12.30
CA ALA A 154 2.97 19.22 -11.54
C ALA A 154 1.57 19.69 -11.16
N ARG A 155 0.72 19.96 -12.17
CA ARG A 155 -0.63 20.43 -11.93
C ARG A 155 -1.39 19.54 -10.93
N MET A 156 -1.03 18.25 -10.93
CA MET A 156 -1.76 17.23 -10.19
C MET A 156 -1.22 17.17 -8.75
N GLU A 170 -8.52 16.08 1.90
CA GLU A 170 -9.63 15.20 2.35
C GLU A 170 -9.77 14.02 1.40
N ILE A 171 -9.56 12.82 1.93
CA ILE A 171 -9.74 11.59 1.18
C ILE A 171 -11.11 10.99 1.58
N MET A 172 -11.96 10.74 0.58
CA MET A 172 -13.29 10.20 0.84
C MET A 172 -13.11 8.85 1.54
N ASP A 173 -13.96 8.59 2.54
CA ASP A 173 -13.90 7.36 3.31
C ASP A 173 -14.68 6.28 2.56
N VAL A 174 -14.48 5.03 2.98
CA VAL A 174 -15.07 3.86 2.36
C VAL A 174 -16.58 3.95 2.47
N ASN A 175 -17.26 3.43 1.45
CA ASN A 175 -18.68 3.14 1.48
C ASN A 175 -18.90 1.86 2.31
N PRO A 176 -19.68 1.91 3.41
CA PRO A 176 -19.94 0.72 4.22
C PRO A 176 -20.43 -0.53 3.47
N GLN A 177 -21.31 -0.36 2.45
CA GLN A 177 -21.83 -1.47 1.66
C GLN A 177 -20.72 -2.10 0.83
N ALA A 178 -19.92 -1.24 0.17
CA ALA A 178 -18.83 -1.72 -0.66
C ALA A 178 -17.91 -2.61 0.18
N VAL A 179 -17.70 -2.25 1.47
CA VAL A 179 -16.88 -3.05 2.37
C VAL A 179 -17.45 -4.47 2.52
N VAL A 180 -18.76 -4.52 2.79
CA VAL A 180 -19.45 -5.77 3.08
C VAL A 180 -19.35 -6.64 1.82
N ASP A 181 -19.70 -6.04 0.68
CA ASP A 181 -19.71 -6.71 -0.62
C ASP A 181 -18.34 -7.34 -0.89
N ALA A 182 -17.27 -6.56 -0.70
CA ALA A 182 -15.92 -7.08 -0.90
C ALA A 182 -15.65 -8.27 0.00
N MET A 183 -16.07 -8.19 1.26
CA MET A 183 -15.68 -9.21 2.22
C MET A 183 -16.52 -10.48 1.97
N GLU A 184 -17.74 -10.27 1.48
CA GLU A 184 -18.67 -11.31 1.09
C GLU A 184 -18.16 -12.01 -0.18
N ARG A 185 -17.78 -11.24 -1.21
CA ARG A 185 -17.23 -11.82 -2.43
C ARG A 185 -16.08 -12.77 -2.13
N HIS A 186 -15.22 -12.42 -1.18
CA HIS A 186 -14.12 -13.30 -0.85
C HIS A 186 -14.51 -14.27 0.28
N HIS A 187 -15.77 -14.21 0.74
CA HIS A 187 -16.23 -14.99 1.88
C HIS A 187 -15.18 -14.90 3.01
N VAL A 188 -14.87 -13.68 3.49
CA VAL A 188 -13.84 -13.49 4.52
C VAL A 188 -14.39 -12.73 5.73
N GLN A 189 -13.65 -12.89 6.84
CA GLN A 189 -14.00 -12.24 8.10
C GLN A 189 -13.00 -11.13 8.42
N TRP A 190 -12.00 -10.93 7.55
CA TRP A 190 -10.90 -10.03 7.81
C TRP A 190 -10.56 -9.25 6.55
N LEU A 191 -10.47 -7.92 6.68
CA LEU A 191 -10.03 -6.99 5.63
C LEU A 191 -8.99 -6.03 6.20
N ILE A 192 -7.82 -5.94 5.53
CA ILE A 192 -6.82 -4.92 5.85
C ILE A 192 -6.67 -3.99 4.64
N HIS A 193 -6.66 -2.68 4.87
CA HIS A 193 -6.54 -1.75 3.78
C HIS A 193 -6.01 -0.43 4.30
N GLY A 194 -5.71 0.45 3.36
CA GLY A 194 -5.17 1.76 3.69
C GLY A 194 -6.03 2.81 3.03
N HIS A 195 -5.36 3.67 2.26
CA HIS A 195 -5.98 4.68 1.42
C HIS A 195 -6.63 5.82 2.20
N THR A 196 -7.47 5.50 3.19
CA THR A 196 -8.28 6.51 3.85
C THR A 196 -7.52 7.35 4.88
N HIS A 197 -6.36 6.89 5.34
CA HIS A 197 -5.55 7.58 6.35
C HIS A 197 -6.33 7.78 7.66
N ARG A 198 -7.28 6.89 7.97
CA ARG A 198 -8.05 6.90 9.21
C ARG A 198 -7.78 5.58 9.92
N PRO A 199 -6.61 5.42 10.57
CA PRO A 199 -6.25 4.14 11.19
C PRO A 199 -7.27 3.76 12.27
N ALA A 200 -7.71 2.49 12.26
CA ALA A 200 -8.76 2.05 13.15
C ALA A 200 -9.05 0.57 12.96
N VAL A 201 -9.72 -0.01 13.96
CA VAL A 201 -10.32 -1.32 13.88
C VAL A 201 -11.83 -1.13 13.91
N HIS A 202 -12.49 -1.83 13.00
CA HIS A 202 -13.94 -1.69 12.85
C HIS A 202 -14.50 -3.10 12.93
N GLU A 203 -15.64 -3.24 13.62
CA GLU A 203 -16.37 -4.50 13.65
C GLU A 203 -17.55 -4.34 12.71
N LEU A 204 -17.89 -5.41 11.96
CA LEU A 204 -19.09 -5.40 11.15
C LEU A 204 -19.62 -6.83 11.00
N GLN A 205 -20.64 -6.99 10.16
CA GLN A 205 -21.20 -8.30 9.85
C GLN A 205 -20.89 -8.66 8.40
N ALA A 206 -20.33 -9.83 8.17
CA ALA A 206 -20.23 -10.31 6.80
C ALA A 206 -20.22 -11.84 6.77
N ASN A 207 -20.99 -12.37 5.81
CA ASN A 207 -21.14 -13.80 5.63
C ASN A 207 -21.91 -14.38 6.81
N GLY A 208 -22.82 -13.56 7.35
CA GLY A 208 -23.67 -13.89 8.49
C GLY A 208 -22.93 -13.94 9.82
N GLN A 209 -21.72 -13.35 9.91
CA GLN A 209 -20.86 -13.52 11.07
C GLN A 209 -20.16 -12.22 11.45
N PRO A 210 -19.53 -12.15 12.65
CA PRO A 210 -18.67 -11.02 12.99
C PRO A 210 -17.52 -10.92 12.00
N ALA A 211 -17.18 -9.69 11.62
CA ALA A 211 -16.07 -9.43 10.72
C ALA A 211 -15.36 -8.15 11.17
N TRP A 212 -14.07 -8.04 10.82
CA TRP A 212 -13.24 -6.91 11.17
C TRP A 212 -12.59 -6.30 9.91
N ARG A 213 -12.67 -4.95 9.82
CA ARG A 213 -11.91 -4.14 8.88
C ARG A 213 -10.84 -3.37 9.63
N VAL A 214 -9.58 -3.68 9.36
CA VAL A 214 -8.47 -3.01 10.01
C VAL A 214 -7.84 -2.03 9.02
N VAL A 215 -7.78 -0.76 9.44
CA VAL A 215 -7.33 0.31 8.57
C VAL A 215 -5.98 0.84 9.04
N LEU A 216 -5.00 0.85 8.12
CA LEU A 216 -3.69 1.42 8.34
C LEU A 216 -3.71 2.94 8.25
N GLY A 217 -2.70 3.55 8.86
CA GLY A 217 -2.57 4.99 8.84
C GLY A 217 -1.51 5.46 7.85
N ALA A 218 -1.51 6.75 7.50
CA ALA A 218 -0.45 7.38 6.74
C ALA A 218 0.76 7.65 7.64
N TRP A 219 1.97 7.66 7.07
CA TRP A 219 3.20 7.96 7.79
C TRP A 219 3.48 9.46 7.75
N HIS A 220 3.46 10.14 8.90
CA HIS A 220 4.01 11.49 8.98
C HIS A 220 4.56 11.69 10.39
N SER A 221 3.68 11.90 11.36
CA SER A 221 4.08 11.96 12.76
C SER A 221 4.70 10.63 13.18
N GLU A 222 4.06 9.56 12.71
CA GLU A 222 4.22 8.20 13.19
C GLU A 222 4.28 7.26 11.99
N GLY A 223 4.73 6.02 12.23
CA GLY A 223 4.43 4.90 11.37
C GLY A 223 3.32 4.02 11.94
N SER A 224 2.72 3.21 11.08
CA SER A 224 1.75 2.22 11.53
C SER A 224 1.90 0.96 10.71
N MET A 225 1.54 -0.15 11.34
CA MET A 225 1.52 -1.46 10.73
C MET A 225 0.38 -2.26 11.34
N VAL A 226 0.05 -3.31 10.60
CA VAL A 226 -0.77 -4.39 11.10
C VAL A 226 0.11 -5.61 11.16
N LYS A 227 0.00 -6.32 12.29
CA LYS A 227 0.77 -7.53 12.54
C LYS A 227 -0.22 -8.68 12.66
N VAL A 228 -0.05 -9.70 11.81
CA VAL A 228 -0.92 -10.88 11.86
C VAL A 228 -0.09 -12.09 12.27
N THR A 229 -0.51 -12.71 13.39
CA THR A 229 0.10 -13.90 13.96
C THR A 229 -0.95 -15.03 13.94
N PRO A 230 -0.52 -16.29 14.23
CA PRO A 230 -1.46 -17.39 14.42
C PRO A 230 -2.72 -16.98 15.19
N ASP A 231 -2.56 -16.32 16.34
CA ASP A 231 -3.70 -16.04 17.23
C ASP A 231 -4.17 -14.58 17.21
N ASP A 232 -3.35 -13.61 16.74
CA ASP A 232 -3.69 -12.19 16.92
C ASP A 232 -3.58 -11.37 15.63
N VAL A 233 -4.42 -10.34 15.57
CA VAL A 233 -4.39 -9.30 14.58
C VAL A 233 -4.39 -7.97 15.32
N GLU A 234 -3.32 -7.20 15.14
CA GLU A 234 -3.06 -5.96 15.87
C GLU A 234 -2.72 -4.84 14.88
N LEU A 235 -3.36 -3.68 15.10
CA LEU A 235 -2.97 -2.43 14.49
C LEU A 235 -2.06 -1.68 15.45
N ILE A 236 -0.89 -1.30 14.96
CA ILE A 236 0.16 -0.73 15.76
C ILE A 236 0.56 0.62 15.19
N HIS A 237 0.51 1.64 16.03
CA HIS A 237 1.18 2.91 15.74
C HIS A 237 2.48 2.99 16.53
N PHE A 238 3.48 3.61 15.90
CA PHE A 238 4.79 3.80 16.49
C PHE A 238 5.31 5.18 16.08
N PRO A 239 5.88 5.95 17.02
CA PRO A 239 6.47 7.23 16.66
C PRO A 239 7.86 7.01 16.06
N PHE A 240 8.39 8.05 15.40
CA PHE A 240 9.75 8.03 14.91
C PHE A 240 10.68 8.60 16.00
N HIS A 241 10.95 7.78 17.03
CA HIS A 241 11.67 8.18 18.23
C HIS A 241 13.10 7.62 18.26
N HIS A 242 13.36 6.54 17.48
CA HIS A 242 14.53 5.70 17.73
C HIS A 242 15.70 6.18 16.87
N HIS A 243 16.14 7.43 17.09
CA HIS A 243 17.40 7.93 16.55
C HIS A 243 18.16 8.70 17.63
#